data_1RIN
#
_entry.id   1RIN
#
_cell.length_a   64.300
_cell.length_b   73.400
_cell.length_c   108.500
_cell.angle_alpha   90.00
_cell.angle_beta   90.00
_cell.angle_gamma   90.00
#
_symmetry.space_group_name_H-M   'P 21 21 21'
#
loop_
_entity.id
_entity.type
_entity.pdbx_description
1 polymer 'PEA LECTIN'
2 polymer 'PEA LECTIN'
3 non-polymer alpha-D-mannopyranose
4 non-polymer 'MANGANESE (II) ION'
5 non-polymer 'CALCIUM ION'
6 water water
#
loop_
_entity_poly.entity_id
_entity_poly.type
_entity_poly.pdbx_seq_one_letter_code
_entity_poly.pdbx_strand_id
1 'polypeptide(L)'
;TETTSFLITKFSPDQQNLIFQGDGYTTKEKLTLTKAVKNTVGRALYSSPIHIWDRETGNVANFVTSFTFVINAPNSYNVA
DGFTFFIAPVDTKPQTGGGYLGVFNSAEYDKTTETVAVEFDTFYNAAWDPSNRDRHIGIDVNSIKSVNTKSWKLQNGEEA
NVVIAFNAATNVLTVSLTYP
;
A,C
2 'polypeptide(L)' VTSYTLSDVVSLKDVVPEWVRIGFSATTGAEYAAHEVLSWSFHSELSGT B,D
#
loop_
_chem_comp.id
_chem_comp.type
_chem_comp.name
_chem_comp.formula
CA non-polymer 'CALCIUM ION' 'Ca 2'
MAN D-saccharide, alpha linking alpha-D-mannopyranose 'C6 H12 O6'
MN non-polymer 'MANGANESE (II) ION' 'Mn 2'
#
# COMPACT_ATOMS: atom_id res chain seq x y z
N THR A 1 -5.78 -15.07 4.09
CA THR A 1 -6.56 -14.06 3.34
C THR A 1 -5.95 -12.68 3.49
N GLU A 2 -5.67 -12.14 2.33
CA GLU A 2 -4.94 -10.90 2.24
C GLU A 2 -5.45 -10.13 1.04
N THR A 3 -5.72 -8.87 1.26
CA THR A 3 -6.27 -8.01 0.23
C THR A 3 -5.42 -6.78 0.15
N THR A 4 -5.21 -6.35 -1.07
CA THR A 4 -4.59 -5.04 -1.24
C THR A 4 -5.44 -4.35 -2.26
N SER A 5 -5.65 -3.06 -2.09
CA SER A 5 -6.47 -2.30 -3.01
C SER A 5 -6.12 -0.84 -2.90
N PHE A 6 -6.33 -0.12 -3.98
CA PHE A 6 -6.20 1.33 -3.95
C PHE A 6 -6.90 1.97 -5.13
N LEU A 7 -7.25 3.24 -5.03
CA LEU A 7 -7.84 3.93 -6.17
C LEU A 7 -7.32 5.36 -6.25
N ILE A 8 -6.81 5.77 -7.40
CA ILE A 8 -6.37 7.13 -7.62
C ILE A 8 -7.08 7.67 -8.88
N THR A 9 -8.13 8.47 -8.70
CA THR A 9 -8.86 8.97 -9.86
C THR A 9 -8.23 10.18 -10.53
N LYS A 10 -7.33 10.90 -9.85
CA LYS A 10 -6.58 12.02 -10.41
C LYS A 10 -5.23 12.06 -9.72
N PHE A 11 -4.15 12.14 -10.48
CA PHE A 11 -2.85 12.17 -9.85
C PHE A 11 -2.47 13.56 -9.33
N SER A 12 -1.75 13.59 -8.23
CA SER A 12 -1.37 14.85 -7.60
C SER A 12 0.12 15.20 -7.78
N PRO A 13 0.60 16.44 -7.62
CA PRO A 13 2.03 16.74 -7.73
C PRO A 13 2.83 16.01 -6.64
N ASP A 14 2.18 15.67 -5.52
CA ASP A 14 2.83 14.95 -4.43
C ASP A 14 2.15 13.61 -4.19
N GLN A 15 2.41 12.74 -5.15
CA GLN A 15 1.82 11.43 -5.11
C GLN A 15 2.81 10.52 -4.40
N GLN A 16 2.82 10.63 -3.07
CA GLN A 16 3.76 9.88 -2.27
C GLN A 16 3.49 8.41 -2.05
N ASN A 17 2.39 7.83 -2.53
CA ASN A 17 2.24 6.37 -2.46
C ASN A 17 2.78 5.67 -3.72
N LEU A 18 3.36 6.44 -4.65
CA LEU A 18 4.01 5.88 -5.82
C LEU A 18 5.52 5.98 -5.72
N ILE A 19 6.23 5.15 -6.44
CA ILE A 19 7.68 5.16 -6.53
C ILE A 19 8.07 5.46 -7.97
N PHE A 20 8.71 6.58 -8.22
CA PHE A 20 9.10 6.90 -9.58
C PHE A 20 10.49 6.44 -9.92
N GLN A 21 10.65 5.98 -11.16
CA GLN A 21 11.94 5.61 -11.71
C GLN A 21 12.10 6.22 -13.09
N GLY A 22 13.32 6.57 -13.46
CA GLY A 22 13.58 7.18 -14.75
C GLY A 22 13.00 8.57 -14.80
N ASP A 23 12.28 8.89 -15.84
CA ASP A 23 11.70 10.22 -15.95
C ASP A 23 10.26 10.29 -15.49
N GLY A 24 9.76 9.21 -14.89
CA GLY A 24 8.39 9.19 -14.44
C GLY A 24 8.17 10.27 -13.41
N TYR A 25 7.10 11.02 -13.54
CA TYR A 25 6.74 11.99 -12.52
C TYR A 25 5.27 12.33 -12.64
N THR A 26 4.69 12.80 -11.56
CA THR A 26 3.29 13.20 -11.56
C THR A 26 3.18 14.70 -11.61
N THR A 27 2.18 15.15 -12.30
CA THR A 27 1.94 16.56 -12.34
C THR A 27 0.55 16.83 -11.79
N LYS A 28 0.06 18.04 -12.00
CA LYS A 28 -1.34 18.29 -11.72
C LYS A 28 -2.10 17.45 -12.76
N GLU A 29 -2.97 16.56 -12.29
CA GLU A 29 -3.84 15.69 -13.11
C GLU A 29 -3.20 14.41 -13.65
N LYS A 30 -2.09 14.52 -14.39
CA LYS A 30 -1.51 13.35 -15.06
C LYS A 30 -0.28 12.69 -14.45
N LEU A 31 -0.12 11.38 -14.64
CA LEU A 31 1.16 10.74 -14.35
C LEU A 31 1.91 10.63 -15.68
N THR A 32 2.99 11.38 -15.82
CA THR A 32 3.78 11.38 -17.04
C THR A 32 4.93 10.40 -17.01
N LEU A 33 4.99 9.44 -17.93
CA LEU A 33 6.09 8.48 -17.93
C LEU A 33 7.19 8.92 -18.88
N THR A 34 6.85 9.30 -20.09
CA THR A 34 7.84 9.91 -20.98
C THR A 34 7.27 11.15 -21.62
N LYS A 35 8.09 12.19 -21.73
CA LYS A 35 7.72 13.32 -22.56
C LYS A 35 7.92 12.91 -24.03
N ALA A 36 7.59 13.71 -25.05
CA ALA A 36 7.85 13.22 -26.41
C ALA A 36 9.24 13.60 -26.84
N VAL A 37 10.18 12.79 -26.36
CA VAL A 37 11.60 12.98 -26.64
C VAL A 37 12.28 11.64 -26.92
N LYS A 38 13.46 11.71 -27.51
CA LYS A 38 14.25 10.56 -27.94
C LYS A 38 14.88 9.73 -26.81
N ASN A 39 15.02 8.43 -26.99
CA ASN A 39 15.69 7.50 -26.09
C ASN A 39 15.49 7.73 -24.58
N THR A 40 14.24 7.64 -24.16
CA THR A 40 13.91 7.92 -22.78
C THR A 40 13.12 6.81 -22.07
N VAL A 41 13.18 6.70 -20.75
CA VAL A 41 12.40 5.71 -19.99
C VAL A 41 11.77 6.33 -18.74
N GLY A 42 10.59 5.88 -18.40
CA GLY A 42 9.93 6.36 -17.22
C GLY A 42 9.13 5.22 -16.64
N ARG A 43 9.21 5.03 -15.33
CA ARG A 43 8.45 3.99 -14.67
C ARG A 43 7.88 4.54 -13.36
N ALA A 44 6.72 4.05 -12.93
CA ALA A 44 6.11 4.45 -11.66
C ALA A 44 5.47 3.20 -11.04
N LEU A 45 5.75 3.00 -9.78
CA LEU A 45 5.42 1.78 -9.07
C LEU A 45 4.54 2.03 -7.85
N TYR A 46 3.54 1.22 -7.50
CA TYR A 46 2.83 1.41 -6.23
C TYR A 46 3.80 1.05 -5.09
N SER A 47 3.95 1.89 -4.06
CA SER A 47 4.96 1.68 -2.99
C SER A 47 4.89 0.42 -2.17
N SER A 48 3.71 -0.12 -2.02
CA SER A 48 3.55 -1.31 -1.21
C SER A 48 3.71 -2.63 -1.93
N PRO A 49 4.51 -3.59 -1.44
CA PRO A 49 4.64 -4.91 -2.04
C PRO A 49 3.29 -5.65 -2.01
N ILE A 50 2.93 -6.41 -3.05
CA ILE A 50 1.67 -7.17 -3.13
C ILE A 50 1.92 -8.68 -2.93
N HIS A 51 1.14 -9.39 -2.13
CA HIS A 51 1.36 -10.83 -1.97
C HIS A 51 0.58 -11.51 -3.08
N ILE A 52 1.23 -11.81 -4.20
CA ILE A 52 0.51 -12.39 -5.33
C ILE A 52 0.26 -13.91 -5.23
N TRP A 53 1.11 -14.68 -4.55
CA TRP A 53 0.83 -16.11 -4.29
C TRP A 53 1.48 -16.64 -3.00
N ASP A 54 1.12 -17.84 -2.55
CA ASP A 54 1.64 -18.33 -1.29
C ASP A 54 2.30 -19.69 -1.31
N ARG A 55 3.41 -19.82 -0.58
CA ARG A 55 4.10 -21.09 -0.45
C ARG A 55 3.33 -22.20 0.28
N GLU A 56 2.99 -22.06 1.57
CA GLU A 56 2.39 -23.15 2.34
C GLU A 56 1.11 -23.72 1.74
N THR A 57 0.30 -22.85 1.17
CA THR A 57 -0.92 -23.32 0.53
C THR A 57 -0.77 -23.59 -0.95
N GLY A 58 0.19 -22.94 -1.60
CA GLY A 58 0.25 -22.95 -3.05
C GLY A 58 -0.83 -22.05 -3.64
N ASN A 59 -1.50 -21.24 -2.80
CA ASN A 59 -2.61 -20.37 -3.21
C ASN A 59 -2.20 -19.24 -4.12
N VAL A 60 -3.02 -18.87 -5.07
CA VAL A 60 -2.63 -17.78 -5.98
C VAL A 60 -3.70 -16.70 -5.99
N ALA A 61 -3.31 -15.44 -6.11
CA ALA A 61 -4.30 -14.39 -6.04
C ALA A 61 -5.07 -14.12 -7.30
N ASN A 62 -6.29 -13.63 -7.10
CA ASN A 62 -7.07 -13.08 -8.19
C ASN A 62 -6.91 -11.57 -8.12
N PHE A 63 -6.60 -10.89 -9.22
CA PHE A 63 -6.52 -9.44 -9.15
C PHE A 63 -7.11 -8.76 -10.36
N VAL A 64 -7.37 -7.46 -10.28
CA VAL A 64 -7.89 -6.69 -11.42
C VAL A 64 -7.40 -5.26 -11.31
N THR A 65 -7.00 -4.70 -12.42
CA THR A 65 -6.55 -3.33 -12.44
C THR A 65 -7.11 -2.61 -13.62
N SER A 66 -7.35 -1.35 -13.44
CA SER A 66 -7.91 -0.54 -14.52
C SER A 66 -7.23 0.79 -14.58
N PHE A 67 -6.97 1.24 -15.79
CA PHE A 67 -6.34 2.50 -15.98
C PHE A 67 -6.69 3.20 -17.29
N THR A 68 -6.64 4.52 -17.28
CA THR A 68 -6.82 5.30 -18.50
C THR A 68 -5.46 5.79 -18.96
N PHE A 69 -5.07 5.61 -20.21
CA PHE A 69 -3.83 6.23 -20.63
C PHE A 69 -3.97 6.96 -21.96
N VAL A 70 -3.02 7.84 -22.25
CA VAL A 70 -3.01 8.61 -23.47
C VAL A 70 -1.63 8.49 -24.11
N ILE A 71 -1.52 8.10 -25.37
CA ILE A 71 -0.27 8.23 -26.06
C ILE A 71 -0.42 9.43 -26.98
N ASN A 72 0.63 10.22 -27.05
CA ASN A 72 0.67 11.46 -27.83
C ASN A 72 1.92 11.61 -28.71
N ALA A 73 1.86 11.21 -29.97
CA ALA A 73 3.02 11.27 -30.84
C ALA A 73 2.99 12.53 -31.69
N PRO A 74 4.00 13.43 -31.75
CA PRO A 74 3.96 14.65 -32.60
C PRO A 74 3.87 14.28 -34.08
N ASN A 75 4.49 13.15 -34.45
CA ASN A 75 4.34 12.60 -35.79
C ASN A 75 3.52 11.33 -35.67
N SER A 76 2.28 11.34 -36.13
CA SER A 76 1.48 10.12 -36.03
C SER A 76 1.92 8.94 -36.86
N TYR A 77 3.03 9.06 -37.59
CA TYR A 77 3.57 7.96 -38.42
C TYR A 77 4.84 7.34 -37.85
N ASN A 78 5.51 8.11 -37.02
CA ASN A 78 6.72 7.63 -36.35
C ASN A 78 6.50 7.61 -34.84
N VAL A 79 5.84 6.53 -34.43
CA VAL A 79 5.41 6.33 -33.07
C VAL A 79 6.14 5.16 -32.43
N ALA A 80 6.85 5.41 -31.36
CA ALA A 80 7.57 4.38 -30.63
C ALA A 80 7.75 4.78 -29.16
N ASP A 81 8.04 3.95 -28.16
CA ASP A 81 8.10 2.52 -28.27
C ASP A 81 6.89 1.81 -27.69
N GLY A 82 6.31 2.40 -26.65
CA GLY A 82 5.12 1.81 -26.10
C GLY A 82 5.03 1.91 -24.59
N PHE A 83 4.05 1.18 -24.06
CA PHE A 83 3.68 1.22 -22.66
C PHE A 83 3.36 -0.15 -22.06
N THR A 84 3.69 -0.41 -20.82
CA THR A 84 3.29 -1.65 -20.15
C THR A 84 2.74 -1.46 -18.74
N PHE A 85 1.89 -2.40 -18.31
CA PHE A 85 1.60 -2.62 -16.90
C PHE A 85 2.38 -3.87 -16.51
N PHE A 86 3.18 -3.86 -15.47
CA PHE A 86 3.94 -5.05 -15.16
C PHE A 86 3.87 -5.37 -13.69
N ILE A 87 4.24 -6.64 -13.50
CA ILE A 87 4.34 -7.35 -12.24
C ILE A 87 5.77 -7.87 -12.21
N ALA A 88 6.56 -7.37 -11.31
CA ALA A 88 7.97 -7.69 -11.23
C ALA A 88 8.41 -7.91 -9.78
N PRO A 89 9.67 -8.29 -9.47
CA PRO A 89 10.14 -8.45 -8.09
C PRO A 89 10.06 -7.14 -7.31
N VAL A 90 10.05 -7.22 -5.99
CA VAL A 90 10.01 -6.03 -5.15
C VAL A 90 11.11 -5.00 -5.45
N ASP A 91 12.31 -5.49 -5.68
CA ASP A 91 13.49 -4.65 -5.96
C ASP A 91 13.63 -4.25 -7.43
N THR A 92 12.53 -4.30 -8.16
CA THR A 92 12.56 -3.99 -9.57
C THR A 92 13.08 -2.60 -9.90
N LYS A 93 14.04 -2.62 -10.82
CA LYS A 93 14.68 -1.41 -11.36
C LYS A 93 14.56 -1.42 -12.89
N PRO A 94 14.66 -0.30 -13.62
CA PRO A 94 14.52 -0.28 -15.08
C PRO A 94 15.48 -1.21 -15.80
N GLN A 95 14.98 -1.90 -16.84
CA GLN A 95 15.82 -2.74 -17.69
C GLN A 95 16.12 -2.05 -19.03
N THR A 96 16.28 -2.77 -20.15
CA THR A 96 16.65 -2.08 -21.38
C THR A 96 15.50 -1.26 -21.95
N GLY A 97 15.86 -0.05 -22.41
CA GLY A 97 14.94 0.91 -22.97
C GLY A 97 14.53 0.63 -24.41
N GLY A 98 14.15 1.69 -25.12
CA GLY A 98 13.69 1.59 -26.49
C GLY A 98 12.73 0.43 -26.72
N GLY A 99 13.09 -0.53 -27.55
CA GLY A 99 12.20 -1.61 -27.90
C GLY A 99 11.91 -2.56 -26.77
N TYR A 100 12.68 -2.54 -25.68
CA TYR A 100 12.43 -3.46 -24.55
C TYR A 100 11.52 -2.92 -23.46
N LEU A 101 10.94 -1.75 -23.72
CA LEU A 101 9.92 -1.12 -22.88
C LEU A 101 10.29 -0.86 -21.41
N GLY A 102 11.58 -1.00 -21.09
CA GLY A 102 12.08 -0.77 -19.77
C GLY A 102 11.85 -1.93 -18.82
N VAL A 103 11.35 -3.06 -19.30
CA VAL A 103 11.09 -4.21 -18.43
C VAL A 103 11.79 -5.51 -18.81
N PHE A 104 12.20 -5.66 -20.07
CA PHE A 104 12.93 -6.87 -20.46
C PHE A 104 14.30 -6.53 -21.00
N ASN A 105 15.17 -7.51 -21.10
CA ASN A 105 16.50 -7.25 -21.69
C ASN A 105 16.79 -8.08 -22.92
N SER A 106 15.96 -9.04 -23.25
CA SER A 106 16.16 -9.83 -24.46
C SER A 106 14.88 -10.42 -24.98
N ALA A 107 14.98 -11.07 -26.15
CA ALA A 107 13.86 -11.75 -26.78
C ALA A 107 13.81 -13.24 -26.50
N GLU A 108 14.83 -13.76 -25.82
CA GLU A 108 14.80 -15.15 -25.35
C GLU A 108 14.31 -15.23 -23.92
N TYR A 109 13.46 -16.23 -23.65
CA TYR A 109 12.92 -16.43 -22.31
C TYR A 109 13.98 -16.47 -21.21
N ASP A 110 13.78 -15.66 -20.20
CA ASP A 110 14.74 -15.56 -19.14
C ASP A 110 14.11 -15.64 -17.76
N LYS A 111 14.15 -16.82 -17.11
CA LYS A 111 13.51 -17.03 -15.80
C LYS A 111 13.89 -16.03 -14.66
N THR A 112 15.12 -15.48 -14.76
CA THR A 112 15.72 -14.50 -13.84
C THR A 112 14.85 -13.28 -13.65
N THR A 113 14.34 -12.77 -14.77
CA THR A 113 13.61 -11.49 -14.79
C THR A 113 12.35 -11.54 -13.94
N GLU A 114 11.65 -12.69 -13.89
CA GLU A 114 10.46 -12.85 -13.02
C GLU A 114 9.37 -11.79 -13.15
N THR A 115 9.25 -11.31 -14.38
CA THR A 115 8.31 -10.28 -14.79
C THR A 115 7.34 -10.77 -15.86
N VAL A 116 6.07 -10.52 -15.55
CA VAL A 116 4.96 -10.65 -16.48
C VAL A 116 4.51 -9.22 -16.87
N ALA A 117 4.43 -8.86 -18.13
CA ALA A 117 4.03 -7.51 -18.50
C ALA A 117 2.92 -7.54 -19.52
N VAL A 118 2.02 -6.58 -19.51
CA VAL A 118 1.06 -6.45 -20.60
C VAL A 118 1.50 -5.25 -21.42
N GLU A 119 1.91 -5.45 -22.67
CA GLU A 119 2.41 -4.32 -23.46
C GLU A 119 1.42 -3.73 -24.43
N PHE A 120 1.61 -2.46 -24.72
CA PHE A 120 0.86 -1.72 -25.72
C PHE A 120 1.98 -1.17 -26.60
N ASP A 121 2.33 -1.96 -27.59
CA ASP A 121 3.51 -1.74 -28.41
C ASP A 121 3.19 -0.98 -29.70
N THR A 122 3.85 0.18 -29.85
CA THR A 122 3.59 1.05 -31.00
C THR A 122 4.64 0.99 -32.13
N PHE A 123 5.70 0.21 -31.91
CA PHE A 123 6.80 0.17 -32.84
C PHE A 123 7.18 -1.23 -33.18
N TYR A 124 7.30 -1.51 -34.49
CA TYR A 124 7.66 -2.85 -34.94
C TYR A 124 9.16 -3.05 -34.83
N ASN A 125 9.55 -4.04 -34.06
CA ASN A 125 10.93 -4.45 -33.95
C ASN A 125 11.04 -5.81 -34.61
N ALA A 126 11.63 -5.79 -35.81
CA ALA A 126 11.76 -6.96 -36.67
C ALA A 126 12.14 -8.28 -36.04
N ALA A 127 12.97 -8.19 -35.02
CA ALA A 127 13.48 -9.38 -34.34
C ALA A 127 12.53 -10.24 -33.49
N TRP A 128 11.45 -9.65 -32.97
CA TRP A 128 10.50 -10.36 -32.08
C TRP A 128 9.04 -9.92 -32.25
N ASP A 129 8.77 -8.74 -32.85
CA ASP A 129 7.40 -8.29 -33.00
C ASP A 129 6.62 -8.95 -34.14
N PRO A 130 5.28 -9.04 -34.06
CA PRO A 130 4.43 -9.68 -35.08
C PRO A 130 4.69 -9.27 -36.52
N SER A 131 4.72 -10.33 -37.31
CA SER A 131 4.98 -10.31 -38.74
C SER A 131 4.11 -9.34 -39.53
N ASN A 132 2.87 -9.09 -39.09
CA ASN A 132 2.04 -8.10 -39.78
C ASN A 132 2.44 -6.64 -39.64
N ARG A 133 3.46 -6.36 -38.82
CA ARG A 133 4.00 -5.02 -38.57
C ARG A 133 3.03 -4.01 -37.94
N ASP A 134 1.93 -4.55 -37.39
CA ASP A 134 0.93 -3.75 -36.74
C ASP A 134 1.25 -3.37 -35.31
N ARG A 135 0.64 -2.27 -34.83
CA ARG A 135 0.69 -1.95 -33.41
C ARG A 135 -0.20 -2.96 -32.71
N HIS A 136 0.18 -3.36 -31.52
CA HIS A 136 -0.51 -4.47 -30.91
C HIS A 136 -0.52 -4.47 -29.40
N ILE A 137 -1.45 -5.19 -28.85
CA ILE A 137 -1.51 -5.52 -27.44
C ILE A 137 -0.76 -6.83 -27.30
N GLY A 138 -0.09 -7.07 -26.20
CA GLY A 138 0.58 -8.35 -26.02
C GLY A 138 0.76 -8.79 -24.57
N ILE A 139 0.86 -10.09 -24.34
CA ILE A 139 1.12 -10.61 -23.01
C ILE A 139 2.54 -11.15 -22.96
N ASP A 140 3.40 -10.55 -22.12
CA ASP A 140 4.81 -10.91 -22.04
C ASP A 140 5.24 -11.65 -20.77
N VAL A 141 5.76 -12.85 -20.90
CA VAL A 141 6.28 -13.58 -19.75
C VAL A 141 7.79 -13.84 -19.88
N ASN A 142 8.64 -13.08 -19.16
CA ASN A 142 10.11 -13.21 -19.16
C ASN A 142 10.84 -13.10 -20.49
N SER A 143 10.20 -12.41 -21.41
CA SER A 143 10.71 -12.20 -22.75
C SER A 143 10.05 -11.02 -23.40
N ILE A 144 10.75 -10.21 -24.22
CA ILE A 144 10.06 -9.12 -24.91
C ILE A 144 9.28 -9.67 -26.12
N LYS A 145 9.48 -10.94 -26.43
CA LYS A 145 8.71 -11.59 -27.46
C LYS A 145 7.45 -12.16 -26.85
N SER A 146 6.34 -11.46 -27.03
CA SER A 146 5.08 -11.84 -26.41
C SER A 146 4.53 -13.25 -26.66
N VAL A 147 3.90 -13.85 -25.63
CA VAL A 147 3.24 -15.15 -25.82
C VAL A 147 1.93 -14.99 -26.59
N ASN A 148 1.37 -13.81 -26.60
CA ASN A 148 0.18 -13.62 -27.39
C ASN A 148 0.05 -12.18 -27.73
N THR A 149 -0.45 -11.86 -28.92
CA THR A 149 -0.68 -10.46 -29.32
C THR A 149 -2.01 -10.23 -30.06
N LYS A 150 -2.47 -8.99 -30.11
CA LYS A 150 -3.67 -8.68 -30.83
C LYS A 150 -3.47 -7.33 -31.48
N SER A 151 -3.77 -7.21 -32.76
CA SER A 151 -3.59 -5.92 -33.42
C SER A 151 -4.44 -4.82 -32.82
N TRP A 152 -3.89 -3.65 -32.67
CA TRP A 152 -4.57 -2.53 -32.07
C TRP A 152 -4.26 -1.31 -32.90
N LYS A 153 -5.30 -0.61 -33.25
CA LYS A 153 -5.16 0.61 -34.00
C LYS A 153 -5.02 1.81 -33.05
N LEU A 154 -3.80 2.33 -32.88
CA LEU A 154 -3.56 3.47 -32.02
C LEU A 154 -4.43 4.68 -32.37
N GLN A 155 -5.21 5.18 -31.41
CA GLN A 155 -5.87 6.47 -31.63
C GLN A 155 -5.11 7.55 -30.90
N ASN A 156 -4.28 8.25 -31.65
CA ASN A 156 -3.37 9.26 -31.12
C ASN A 156 -4.06 10.40 -30.39
N GLY A 157 -3.57 10.75 -29.20
CA GLY A 157 -4.18 11.80 -28.41
C GLY A 157 -5.45 11.36 -27.65
N GLU A 158 -5.95 10.16 -27.93
CA GLU A 158 -7.18 9.69 -27.31
C GLU A 158 -6.99 8.94 -26.00
N GLU A 159 -8.00 8.92 -25.16
CA GLU A 159 -7.95 8.16 -23.94
C GLU A 159 -8.41 6.73 -24.12
N ALA A 160 -7.54 5.81 -23.72
CA ALA A 160 -7.78 4.39 -23.74
C ALA A 160 -8.11 3.88 -22.36
N ASN A 161 -9.22 3.19 -22.19
CA ASN A 161 -9.57 2.60 -20.92
C ASN A 161 -9.26 1.13 -20.90
N VAL A 162 -8.32 0.72 -20.06
CA VAL A 162 -7.87 -0.65 -19.96
C VAL A 162 -8.38 -1.32 -18.69
N VAL A 163 -8.62 -2.61 -18.78
CA VAL A 163 -8.93 -3.42 -17.63
C VAL A 163 -8.17 -4.72 -17.82
N ILE A 164 -7.32 -5.05 -16.85
CA ILE A 164 -6.56 -6.28 -16.84
C ILE A 164 -7.04 -7.07 -15.62
N ALA A 165 -7.41 -8.31 -15.83
CA ALA A 165 -7.91 -9.16 -14.77
C ALA A 165 -7.20 -10.49 -14.75
N PHE A 166 -6.98 -11.08 -13.60
CA PHE A 166 -6.36 -12.39 -13.50
C PHE A 166 -7.17 -13.28 -12.59
N ASN A 167 -7.68 -14.35 -13.18
CA ASN A 167 -8.41 -15.36 -12.41
C ASN A 167 -7.48 -16.49 -11.99
N ALA A 168 -7.34 -16.69 -10.70
CA ALA A 168 -6.45 -17.69 -10.13
C ALA A 168 -6.89 -19.13 -10.34
N ALA A 169 -8.20 -19.38 -10.42
CA ALA A 169 -8.72 -20.75 -10.61
C ALA A 169 -8.41 -21.30 -12.00
N THR A 170 -8.53 -20.42 -12.97
CA THR A 170 -8.26 -20.77 -14.36
C THR A 170 -6.87 -20.38 -14.86
N ASN A 171 -6.14 -19.52 -14.15
CA ASN A 171 -4.85 -18.93 -14.56
C ASN A 171 -4.94 -18.13 -15.87
N VAL A 172 -6.13 -17.61 -16.13
CA VAL A 172 -6.34 -16.81 -17.33
C VAL A 172 -6.21 -15.32 -17.07
N LEU A 173 -5.32 -14.69 -17.82
CA LEU A 173 -5.14 -13.24 -17.80
C LEU A 173 -5.89 -12.66 -18.98
N THR A 174 -6.75 -11.71 -18.68
CA THR A 174 -7.54 -11.05 -19.72
C THR A 174 -7.27 -9.56 -19.75
N VAL A 175 -7.09 -9.02 -20.95
CA VAL A 175 -6.77 -7.62 -21.21
C VAL A 175 -7.92 -7.09 -22.05
N SER A 176 -8.42 -5.92 -21.75
CA SER A 176 -9.37 -5.31 -22.67
C SER A 176 -9.10 -3.83 -22.77
N LEU A 177 -9.03 -3.31 -23.99
CA LEU A 177 -8.82 -1.89 -24.24
C LEU A 177 -10.05 -1.27 -24.94
N THR A 178 -10.61 -0.18 -24.43
CA THR A 178 -11.75 0.49 -25.05
C THR A 178 -11.52 1.96 -25.33
N TYR A 179 -11.73 2.41 -26.54
CA TYR A 179 -11.72 3.83 -26.86
C TYR A 179 -13.17 4.32 -26.89
N PRO A 180 -13.47 5.60 -26.67
CA PRO A 180 -14.84 6.09 -26.71
C PRO A 180 -15.57 5.95 -28.08
N VAL B 1 -17.13 3.90 -29.66
CA VAL B 1 -16.65 2.86 -28.76
C VAL B 1 -16.03 1.75 -29.58
N THR B 2 -14.72 1.60 -29.41
CA THR B 2 -13.95 0.63 -30.16
C THR B 2 -13.24 -0.25 -29.16
N SER B 3 -13.38 -1.56 -29.21
CA SER B 3 -12.63 -2.35 -28.26
C SER B 3 -11.82 -3.54 -28.75
N TYR B 4 -10.80 -3.92 -27.97
CA TYR B 4 -9.88 -5.01 -28.26
C TYR B 4 -9.76 -5.93 -27.06
N THR B 5 -9.56 -7.21 -27.25
CA THR B 5 -9.52 -8.11 -26.10
C THR B 5 -8.38 -9.10 -26.24
N LEU B 6 -7.77 -9.51 -25.16
CA LEU B 6 -6.78 -10.55 -25.26
C LEU B 6 -6.81 -11.38 -24.00
N SER B 7 -6.52 -12.65 -24.12
CA SER B 7 -6.55 -13.57 -23.01
C SER B 7 -5.47 -14.60 -23.23
N ASP B 8 -4.86 -15.08 -22.17
CA ASP B 8 -3.96 -16.19 -22.31
C ASP B 8 -3.70 -16.75 -20.94
N VAL B 9 -3.39 -18.04 -20.85
CA VAL B 9 -3.08 -18.64 -19.57
C VAL B 9 -1.68 -18.23 -19.17
N VAL B 10 -1.57 -17.69 -17.97
CA VAL B 10 -0.25 -17.40 -17.47
C VAL B 10 -0.16 -18.06 -16.10
N SER B 11 0.89 -18.85 -15.95
CA SER B 11 1.12 -19.55 -14.69
C SER B 11 1.91 -18.67 -13.74
N LEU B 12 1.23 -17.68 -13.15
CA LEU B 12 1.93 -16.69 -12.31
C LEU B 12 2.81 -17.26 -11.22
N LYS B 13 2.36 -18.36 -10.62
CA LYS B 13 3.09 -19.05 -9.56
C LYS B 13 4.46 -19.61 -9.95
N ASP B 14 4.66 -19.81 -11.25
CA ASP B 14 5.95 -20.28 -11.76
C ASP B 14 6.83 -19.23 -12.42
N VAL B 15 6.31 -17.99 -12.53
CA VAL B 15 7.01 -16.86 -13.17
C VAL B 15 7.41 -15.76 -12.16
N VAL B 16 6.49 -15.25 -11.33
CA VAL B 16 6.83 -14.15 -10.43
C VAL B 16 7.08 -14.57 -8.99
N PRO B 17 7.73 -13.76 -8.16
CA PRO B 17 7.94 -14.10 -6.75
C PRO B 17 6.63 -14.05 -5.93
N GLU B 18 6.56 -14.52 -4.67
CA GLU B 18 5.32 -14.40 -3.87
C GLU B 18 4.86 -12.96 -3.57
N TRP B 19 5.86 -12.10 -3.43
CA TRP B 19 5.74 -10.69 -3.17
C TRP B 19 6.30 -9.96 -4.36
N VAL B 20 5.46 -9.10 -4.91
CA VAL B 20 5.82 -8.37 -6.12
C VAL B 20 5.56 -6.86 -6.02
N ARG B 21 6.11 -6.07 -6.91
CA ARG B 21 5.71 -4.69 -7.02
C ARG B 21 4.95 -4.60 -8.34
N ILE B 22 3.89 -3.81 -8.45
CA ILE B 22 3.21 -3.63 -9.74
C ILE B 22 3.40 -2.19 -10.25
N GLY B 23 3.30 -1.91 -11.57
CA GLY B 23 3.50 -0.56 -12.03
C GLY B 23 3.43 -0.43 -13.52
N PHE B 24 3.78 0.75 -14.01
CA PHE B 24 3.75 1.09 -15.42
C PHE B 24 5.14 1.43 -15.93
N SER B 25 5.44 1.13 -17.19
CA SER B 25 6.66 1.67 -17.79
C SER B 25 6.40 2.06 -19.20
N ALA B 26 7.21 2.95 -19.70
CA ALA B 26 7.04 3.42 -21.03
C ALA B 26 8.38 3.90 -21.53
N THR B 27 8.68 3.67 -22.80
CA THR B 27 9.96 4.10 -23.32
C THR B 27 9.82 4.68 -24.69
N THR B 28 10.85 5.46 -25.08
CA THR B 28 11.08 5.96 -26.44
C THR B 28 12.51 5.60 -26.86
N GLY B 29 12.84 5.49 -28.14
CA GLY B 29 14.19 5.13 -28.59
C GLY B 29 14.59 6.09 -29.69
N ALA B 30 14.81 5.67 -30.92
CA ALA B 30 15.06 6.65 -31.98
C ALA B 30 13.82 7.44 -32.32
N GLU B 31 12.65 6.85 -32.06
CA GLU B 31 11.36 7.53 -32.24
C GLU B 31 10.59 7.63 -30.92
N TYR B 32 9.49 8.40 -30.93
CA TYR B 32 8.88 8.78 -29.67
C TYR B 32 7.43 9.29 -29.68
N ALA B 33 6.89 9.43 -28.46
CA ALA B 33 5.58 9.97 -28.14
C ALA B 33 5.55 10.19 -26.65
N ALA B 34 4.61 10.99 -26.15
CA ALA B 34 4.39 11.09 -24.71
C ALA B 34 3.48 9.95 -24.29
N HIS B 35 3.80 9.36 -23.14
CA HIS B 35 3.01 8.27 -22.58
C HIS B 35 2.57 8.70 -21.20
N GLU B 36 1.26 8.73 -20.96
CA GLU B 36 0.70 9.25 -19.69
C GLU B 36 -0.47 8.44 -19.15
N VAL B 37 -0.57 8.20 -17.83
CA VAL B 37 -1.79 7.58 -17.34
C VAL B 37 -2.62 8.60 -16.54
N LEU B 38 -3.93 8.55 -16.71
CA LEU B 38 -4.84 9.53 -16.09
C LEU B 38 -5.51 9.09 -14.78
N SER B 39 -5.61 7.78 -14.56
CA SER B 39 -6.19 7.22 -13.35
C SER B 39 -5.74 5.80 -13.14
N TRP B 40 -5.86 5.27 -11.94
CA TRP B 40 -5.44 3.88 -11.73
C TRP B 40 -6.12 3.24 -10.53
N SER B 41 -6.63 2.03 -10.65
CA SER B 41 -7.12 1.31 -9.48
C SER B 41 -6.72 -0.14 -9.47
N PHE B 42 -6.55 -0.73 -8.29
CA PHE B 42 -6.15 -2.11 -8.17
C PHE B 42 -6.82 -2.83 -7.02
N HIS B 43 -7.06 -4.11 -7.16
CA HIS B 43 -7.57 -4.92 -6.09
C HIS B 43 -7.02 -6.33 -6.24
N SER B 44 -6.46 -6.91 -5.20
CA SER B 44 -6.07 -8.30 -5.26
C SER B 44 -6.48 -9.00 -3.99
N GLU B 45 -6.74 -10.30 -4.09
CA GLU B 45 -6.97 -11.07 -2.89
C GLU B 45 -6.51 -12.51 -2.91
N LEU B 46 -5.68 -12.81 -1.93
CA LEU B 46 -5.20 -14.15 -1.71
C LEU B 46 -6.02 -14.73 -0.56
N SER B 47 -6.19 -16.04 -0.51
CA SER B 47 -6.94 -16.66 0.58
C SER B 47 -6.05 -17.34 1.67
N THR C 1 -10.56 11.42 -6.09
CA THR C 1 -10.83 10.47 -5.01
C THR C 1 -9.68 9.50 -4.89
N GLU C 2 -9.24 9.27 -3.68
CA GLU C 2 -8.14 8.38 -3.42
C GLU C 2 -8.55 7.39 -2.35
N THR C 3 -8.20 6.16 -2.55
CA THR C 3 -8.61 5.12 -1.63
C THR C 3 -7.44 4.26 -1.28
N THR C 4 -7.27 3.92 -0.02
CA THR C 4 -6.25 2.93 0.29
C THR C 4 -6.92 1.89 1.18
N SER C 5 -6.72 0.61 0.91
CA SER C 5 -7.33 -0.44 1.71
C SER C 5 -6.46 -1.64 1.76
N PHE C 6 -6.61 -2.40 2.84
CA PHE C 6 -5.94 -3.69 2.96
C PHE C 6 -6.52 -4.56 4.06
N LEU C 7 -6.28 -5.85 3.99
CA LEU C 7 -6.77 -6.81 4.96
C LEU C 7 -5.73 -7.87 5.16
N ILE C 8 -5.29 -8.07 6.39
CA ILE C 8 -4.36 -9.16 6.74
C ILE C 8 -5.05 -9.95 7.87
N THR C 9 -5.48 -11.16 7.54
CA THR C 9 -6.26 -12.01 8.46
C THR C 9 -5.37 -12.94 9.24
N LYS C 10 -4.20 -13.16 8.71
CA LYS C 10 -3.25 -14.08 9.29
C LYS C 10 -1.90 -13.64 8.74
N PHE C 11 -0.91 -13.47 9.62
CA PHE C 11 0.40 -12.99 9.20
C PHE C 11 1.37 -14.08 8.73
N SER C 12 2.21 -13.74 7.77
CA SER C 12 3.20 -14.67 7.22
C SER C 12 4.59 -14.37 7.72
N PRO C 13 5.49 -15.33 7.79
CA PRO C 13 6.89 -15.12 8.21
C PRO C 13 7.59 -14.05 7.39
N ASP C 14 7.30 -13.99 6.09
CA ASP C 14 7.78 -12.85 5.33
C ASP C 14 6.57 -11.99 4.97
N GLN C 15 6.47 -10.86 5.67
CA GLN C 15 5.32 -9.99 5.48
C GLN C 15 5.80 -8.65 4.96
N GLN C 16 6.04 -8.63 3.65
CA GLN C 16 6.69 -7.50 3.00
C GLN C 16 5.91 -6.20 2.90
N ASN C 17 4.60 -6.18 3.13
CA ASN C 17 3.92 -4.89 3.08
C ASN C 17 3.88 -4.13 4.42
N LEU C 18 4.64 -4.61 5.40
CA LEU C 18 4.76 -3.92 6.65
C LEU C 18 6.20 -3.51 6.85
N ILE C 19 6.44 -2.44 7.61
CA ILE C 19 7.78 -2.00 7.95
C ILE C 19 8.01 -2.32 9.44
N PHE C 20 9.08 -3.02 9.80
CA PHE C 20 9.31 -3.34 11.19
C PHE C 20 10.35 -2.45 11.84
N GLN C 21 10.11 -2.10 13.07
CA GLN C 21 11.02 -1.25 13.84
C GLN C 21 11.12 -1.84 15.23
N GLY C 22 12.21 -1.49 15.95
CA GLY C 22 12.43 -2.04 17.29
C GLY C 22 12.46 -3.57 17.24
N ASP C 23 11.66 -4.28 18.03
CA ASP C 23 11.71 -5.73 18.01
C ASP C 23 10.53 -6.37 17.30
N GLY C 24 9.82 -5.54 16.54
CA GLY C 24 8.67 -6.00 15.79
C GLY C 24 9.02 -7.10 14.80
N TYR C 25 8.26 -8.19 14.86
CA TYR C 25 8.48 -9.31 13.96
C TYR C 25 7.22 -10.13 13.73
N THR C 26 7.09 -10.81 12.61
CA THR C 26 5.92 -11.64 12.39
C THR C 26 6.32 -13.08 12.35
N THR C 27 5.34 -13.91 12.55
CA THR C 27 5.56 -15.33 12.44
C THR C 27 4.40 -15.93 11.71
N LYS C 28 4.30 -17.25 11.65
CA LYS C 28 3.07 -17.82 11.16
C LYS C 28 1.97 -17.49 12.18
N GLU C 29 1.04 -16.74 11.60
CA GLU C 29 -0.21 -16.27 12.18
C GLU C 29 -0.24 -14.94 12.94
N LYS C 30 0.77 -14.59 13.74
CA LYS C 30 0.72 -13.26 14.37
C LYS C 30 1.92 -12.33 14.24
N LEU C 31 1.65 -11.06 14.48
CA LEU C 31 2.66 -10.02 14.55
C LEU C 31 3.04 -9.80 16.02
N THR C 32 4.27 -10.09 16.44
CA THR C 32 4.71 -9.83 17.82
C THR C 32 5.45 -8.50 17.92
N LEU C 33 4.90 -7.55 18.66
CA LEU C 33 5.53 -6.24 18.80
C LEU C 33 6.58 -6.25 19.93
N THR C 34 6.22 -6.85 21.04
CA THR C 34 7.17 -7.06 22.12
C THR C 34 7.01 -8.43 22.72
N LYS C 35 8.12 -9.05 23.06
CA LYS C 35 8.05 -10.27 23.83
C LYS C 35 7.94 -9.82 25.30
N ALA C 36 7.60 -10.73 26.22
CA ALA C 36 7.53 -10.41 27.65
C ALA C 36 8.90 -10.19 28.29
N VAL C 37 9.56 -9.12 27.91
CA VAL C 37 10.89 -8.79 28.40
C VAL C 37 10.94 -7.33 28.80
N LYS C 38 11.76 -6.98 29.78
CA LYS C 38 11.84 -5.59 30.23
C LYS C 38 12.46 -4.65 29.21
N ASN C 39 12.06 -3.39 29.22
CA ASN C 39 12.71 -2.34 28.44
C ASN C 39 12.87 -2.57 26.95
N THR C 40 11.74 -2.74 26.27
CA THR C 40 11.74 -3.12 24.87
C THR C 40 10.73 -2.32 24.07
N VAL C 41 10.89 -2.25 22.76
CA VAL C 41 10.03 -1.44 21.88
C VAL C 41 9.79 -2.21 20.62
N GLY C 42 8.56 -2.32 20.19
CA GLY C 42 8.25 -2.97 18.93
C GLY C 42 7.31 -2.08 18.15
N ARG C 43 7.59 -1.85 16.87
CA ARG C 43 6.67 -1.05 16.05
C ARG C 43 6.55 -1.70 14.69
N ALA C 44 5.37 -1.57 14.12
CA ALA C 44 5.06 -2.12 12.81
C ALA C 44 4.13 -1.18 12.05
N LEU C 45 4.60 -0.75 10.89
CA LEU C 45 3.92 0.21 10.04
C LEU C 45 3.43 -0.37 8.70
N TYR C 46 2.35 0.16 8.16
CA TYR C 46 2.00 -0.28 6.84
C TYR C 46 2.87 0.45 5.81
N SER C 47 3.44 -0.34 4.92
CA SER C 47 4.31 0.07 3.83
C SER C 47 4.03 1.36 3.11
N SER C 48 2.82 1.49 2.61
CA SER C 48 2.48 2.63 1.81
C SER C 48 2.04 3.84 2.61
N PRO C 49 2.43 5.05 2.22
CA PRO C 49 1.96 6.28 2.82
C PRO C 49 0.47 6.38 2.46
N ILE C 50 -0.34 6.98 3.33
CA ILE C 50 -1.80 7.11 3.19
C ILE C 50 -2.08 8.60 2.97
N HIS C 51 -2.86 8.99 1.97
CA HIS C 51 -3.25 10.40 1.83
C HIS C 51 -4.40 10.71 2.78
N ILE C 52 -4.13 11.38 3.90
CA ILE C 52 -5.17 11.63 4.89
C ILE C 52 -5.84 13.00 4.84
N TRP C 53 -5.21 13.95 4.18
CA TRP C 53 -5.90 15.19 3.87
C TRP C 53 -5.21 15.97 2.78
N ASP C 54 -5.97 16.82 2.13
CA ASP C 54 -5.46 17.58 1.02
C ASP C 54 -5.54 19.07 1.28
N ARG C 55 -4.39 19.71 1.25
CA ARG C 55 -4.29 21.13 1.51
C ARG C 55 -4.96 21.95 0.43
N GLU C 56 -4.92 21.41 -0.78
CA GLU C 56 -5.57 22.10 -1.88
C GLU C 56 -7.10 22.10 -1.85
N THR C 57 -7.78 20.99 -1.64
CA THR C 57 -9.24 21.02 -1.52
C THR C 57 -9.67 21.31 -0.08
N GLY C 58 -8.82 21.04 0.90
CA GLY C 58 -9.17 21.18 2.31
C GLY C 58 -9.86 19.92 2.83
N ASN C 59 -10.00 18.88 2.00
CA ASN C 59 -10.71 17.66 2.41
C ASN C 59 -9.92 16.77 3.39
N VAL C 60 -10.61 15.93 4.19
CA VAL C 60 -9.96 15.03 5.14
C VAL C 60 -10.51 13.65 4.91
N ALA C 61 -9.70 12.62 5.12
CA ALA C 61 -10.16 11.27 4.91
C ALA C 61 -11.02 10.70 6.00
N ASN C 62 -11.97 9.95 5.52
CA ASN C 62 -12.74 9.08 6.36
C ASN C 62 -11.96 7.79 6.42
N PHE C 63 -11.73 7.21 7.56
CA PHE C 63 -11.02 5.97 7.57
C PHE C 63 -11.57 5.07 8.64
N VAL C 64 -11.32 3.79 8.50
CA VAL C 64 -11.72 2.83 9.46
C VAL C 64 -10.68 1.71 9.52
N THR C 65 -10.30 1.31 10.70
CA THR C 65 -9.33 0.27 10.86
C THR C 65 -9.80 -0.63 11.96
N SER C 66 -9.49 -1.89 11.82
CA SER C 66 -9.81 -2.80 12.87
C SER C 66 -8.79 -3.89 12.97
N PHE C 67 -8.53 -4.34 14.19
CA PHE C 67 -7.49 -5.33 14.50
C PHE C 67 -7.81 -6.16 15.74
N THR C 68 -7.26 -7.34 15.84
CA THR C 68 -7.44 -8.13 17.04
C THR C 68 -6.09 -8.21 17.70
N PHE C 69 -6.01 -7.84 18.97
CA PHE C 69 -4.73 -7.97 19.69
C PHE C 69 -4.82 -8.78 20.99
N VAL C 70 -3.72 -9.37 21.44
CA VAL C 70 -3.67 -10.13 22.67
C VAL C 70 -2.59 -9.48 23.53
N ILE C 71 -2.81 -9.32 24.83
CA ILE C 71 -1.76 -8.92 25.76
C ILE C 71 -1.54 -10.10 26.68
N ASN C 72 -0.28 -10.44 26.82
CA ASN C 72 0.04 -11.62 27.58
C ASN C 72 1.09 -11.35 28.66
N ALA C 73 0.64 -10.99 29.84
CA ALA C 73 1.57 -10.73 30.93
C ALA C 73 1.78 -11.96 31.80
N PRO C 74 3.03 -12.43 32.00
CA PRO C 74 3.38 -13.59 32.84
C PRO C 74 3.12 -13.31 34.32
N ASN C 75 3.35 -12.10 34.85
CA ASN C 75 2.83 -11.74 36.17
C ASN C 75 1.54 -10.95 35.90
N SER C 76 0.40 -11.57 36.12
CA SER C 76 -0.89 -10.98 35.76
C SER C 76 -1.27 -9.70 36.45
N TYR C 77 -0.64 -9.37 37.58
CA TYR C 77 -1.02 -8.15 38.26
C TYR C 77 0.01 -7.05 38.06
N ASN C 78 1.21 -7.44 37.64
CA ASN C 78 2.21 -6.44 37.32
C ASN C 78 2.39 -6.27 35.81
N VAL C 79 1.52 -5.48 35.17
CA VAL C 79 1.49 -5.32 33.72
C VAL C 79 1.90 -3.93 33.18
N ALA C 80 2.77 -3.87 32.17
CA ALA C 80 3.24 -2.61 31.57
C ALA C 80 3.78 -2.82 30.15
N ASP C 81 3.86 -1.91 29.19
CA ASP C 81 3.35 -0.56 29.28
C ASP C 81 2.11 -0.31 28.45
N GLY C 82 2.03 -1.02 27.34
CA GLY C 82 0.85 -0.93 26.52
C GLY C 82 1.06 -1.06 25.03
N PHE C 83 0.03 -0.67 24.33
CA PHE C 83 -0.07 -0.87 22.91
C PHE C 83 -0.80 0.32 22.34
N THR C 84 -0.43 0.75 21.17
CA THR C 84 -1.14 1.81 20.50
C THR C 84 -1.29 1.58 18.98
N PHE C 85 -2.40 1.99 18.41
CA PHE C 85 -2.46 2.17 16.98
C PHE C 85 -2.11 3.66 16.75
N PHE C 86 -1.20 4.04 15.86
CA PHE C 86 -0.89 5.46 15.69
C PHE C 86 -0.89 5.94 14.25
N ILE C 87 -0.98 7.25 14.08
CA ILE C 87 -0.92 7.91 12.78
C ILE C 87 0.14 8.99 12.93
N ALA C 88 1.18 8.94 12.09
CA ALA C 88 2.33 9.83 12.21
C ALA C 88 2.97 10.22 10.85
N PRO C 89 3.97 11.12 10.72
CA PRO C 89 4.59 11.46 9.43
C PRO C 89 5.18 10.24 8.73
N VAL C 90 5.41 10.26 7.42
CA VAL C 90 5.88 9.04 6.72
C VAL C 90 7.19 8.46 7.25
N ASP C 91 8.04 9.34 7.76
CA ASP C 91 9.37 8.99 8.26
C ASP C 91 9.44 8.62 9.75
N THR C 92 8.28 8.33 10.35
CA THR C 92 8.22 8.01 11.76
C THR C 92 9.14 6.88 12.17
N LYS C 93 9.86 7.18 13.25
CA LYS C 93 10.76 6.25 13.90
C LYS C 93 10.40 6.08 15.39
N PRO C 94 10.85 5.04 16.13
CA PRO C 94 10.55 4.85 17.54
C PRO C 94 10.93 6.05 18.37
N GLN C 95 9.97 6.49 19.17
CA GLN C 95 10.19 7.52 20.13
C GLN C 95 10.51 6.92 21.50
N THR C 96 10.33 7.69 22.58
CA THR C 96 10.69 7.17 23.89
C THR C 96 9.91 5.96 24.35
N GLY C 97 10.60 5.00 24.91
CA GLY C 97 9.96 3.77 25.37
C GLY C 97 9.22 3.86 26.69
N GLY C 98 9.13 2.70 27.34
CA GLY C 98 8.40 2.56 28.59
C GLY C 98 7.01 3.19 28.53
N GLY C 99 6.72 4.07 29.49
CA GLY C 99 5.42 4.72 29.59
C GLY C 99 5.09 5.63 28.40
N TYR C 100 6.08 5.93 27.53
CA TYR C 100 5.84 6.74 26.33
C TYR C 100 5.39 5.99 25.07
N LEU C 101 5.22 4.66 25.24
CA LEU C 101 4.67 3.73 24.25
C LEU C 101 5.34 3.74 22.89
N GLY C 102 6.60 4.18 22.83
CA GLY C 102 7.34 4.26 21.58
C GLY C 102 6.83 5.33 20.60
N VAL C 103 5.84 6.15 20.97
CA VAL C 103 5.29 7.15 20.04
C VAL C 103 5.42 8.62 20.50
N PHE C 104 5.66 8.88 21.77
CA PHE C 104 5.84 10.26 22.21
C PHE C 104 7.06 10.42 23.08
N ASN C 105 7.29 11.66 23.48
CA ASN C 105 8.48 12.02 24.26
C ASN C 105 8.15 12.82 25.51
N SER C 106 6.92 13.34 25.53
CA SER C 106 6.51 14.34 26.51
C SER C 106 5.09 14.18 27.00
N ALA C 107 4.83 14.71 28.20
CA ALA C 107 3.47 14.78 28.72
C ALA C 107 2.89 16.19 28.50
N GLU C 108 3.56 16.96 27.64
CA GLU C 108 3.15 18.30 27.21
C GLU C 108 2.81 18.20 25.74
N TYR C 109 1.89 19.02 25.24
CA TYR C 109 1.57 19.05 23.81
C TYR C 109 2.73 19.55 22.94
N ASP C 110 3.17 18.74 22.00
CA ASP C 110 4.32 19.06 21.18
C ASP C 110 3.96 19.17 19.70
N LYS C 111 3.78 20.34 19.13
CA LYS C 111 3.37 20.46 17.70
C LYS C 111 4.27 19.73 16.68
N THR C 112 5.52 19.53 17.05
CA THR C 112 6.53 18.84 16.25
C THR C 112 6.33 17.35 16.03
N THR C 113 5.60 16.65 16.90
CA THR C 113 5.44 15.20 16.76
C THR C 113 4.50 14.83 15.63
N GLU C 114 3.44 15.62 15.37
CA GLU C 114 2.45 15.34 14.32
C GLU C 114 1.91 13.91 14.35
N THR C 115 1.62 13.46 15.57
CA THR C 115 1.17 12.08 15.82
C THR C 115 -0.12 12.03 16.63
N VAL C 116 -1.14 11.32 16.13
CA VAL C 116 -2.33 10.97 16.89
C VAL C 116 -2.21 9.49 17.21
N ALA C 117 -2.55 9.05 18.42
CA ALA C 117 -2.42 7.64 18.82
C ALA C 117 -3.63 7.20 19.61
N VAL C 118 -3.98 5.93 19.58
CA VAL C 118 -5.03 5.45 20.47
C VAL C 118 -4.36 4.40 21.32
N GLU C 119 -4.28 4.69 22.59
CA GLU C 119 -3.60 3.81 23.50
C GLU C 119 -4.47 2.87 24.30
N PHE C 120 -3.93 1.70 24.53
CA PHE C 120 -4.48 0.69 25.40
C PHE C 120 -3.35 0.58 26.42
N ASP C 121 -3.48 1.45 27.42
CA ASP C 121 -2.47 1.63 28.47
C ASP C 121 -2.59 0.71 29.68
N THR C 122 -1.57 -0.12 29.97
CA THR C 122 -1.70 -1.10 31.05
C THR C 122 -0.95 -0.78 32.34
N PHE C 123 -0.29 0.36 32.38
CA PHE C 123 0.53 0.72 33.53
C PHE C 123 0.32 2.16 33.94
N TYR C 124 0.11 2.37 35.23
CA TYR C 124 -0.18 3.69 35.75
C TYR C 124 1.06 4.53 35.88
N ASN C 125 1.15 5.63 35.14
CA ASN C 125 2.32 6.48 35.27
C ASN C 125 1.82 7.74 35.89
N ALA C 126 2.14 7.86 37.17
CA ALA C 126 1.72 8.99 37.98
C ALA C 126 1.89 10.39 37.37
N ALA C 127 3.00 10.64 36.68
CA ALA C 127 3.23 11.95 36.09
C ALA C 127 2.20 12.44 35.07
N TRP C 128 1.33 11.57 34.49
CA TRP C 128 0.31 11.97 33.47
C TRP C 128 -0.96 11.09 33.33
N ASP C 129 -0.94 9.85 33.79
CA ASP C 129 -2.08 8.95 33.67
C ASP C 129 -3.26 9.20 34.63
N PRO C 130 -4.50 8.74 34.34
CA PRO C 130 -5.67 8.93 35.17
C PRO C 130 -5.41 8.54 36.61
N SER C 131 -5.61 9.55 37.43
CA SER C 131 -5.53 9.49 38.90
C SER C 131 -6.26 8.32 39.54
N ASN C 132 -7.27 7.79 38.83
CA ASN C 132 -7.97 6.61 39.30
C ASN C 132 -7.18 5.34 39.17
N ARG C 133 -5.96 5.43 38.68
CA ARG C 133 -5.06 4.30 38.56
C ARG C 133 -5.50 3.11 37.71
N ASP C 134 -6.63 3.23 37.02
CA ASP C 134 -7.08 2.15 36.15
C ASP C 134 -6.34 2.11 34.84
N ARG C 135 -6.19 0.88 34.36
CA ARG C 135 -5.74 0.59 33.01
C ARG C 135 -6.74 1.25 32.07
N HIS C 136 -6.28 1.84 30.97
CA HIS C 136 -7.23 2.60 30.19
C HIS C 136 -7.01 2.68 28.70
N ILE C 137 -8.07 3.03 28.00
CA ILE C 137 -8.08 3.36 26.57
C ILE C 137 -7.93 4.87 26.48
N GLY C 138 -7.16 5.42 25.55
CA GLY C 138 -7.05 6.87 25.48
C GLY C 138 -6.77 7.44 24.10
N ILE C 139 -7.14 8.70 23.88
CA ILE C 139 -6.86 9.38 22.62
C ILE C 139 -5.79 10.43 22.84
N ASP C 140 -4.62 10.16 22.28
CA ASP C 140 -3.44 10.98 22.42
C ASP C 140 -3.16 11.79 21.18
N VAL C 141 -2.86 13.08 21.31
CA VAL C 141 -2.60 13.99 20.21
C VAL C 141 -1.31 14.75 20.50
N ASN C 142 -0.13 14.38 19.99
CA ASN C 142 1.11 15.11 20.30
C ASN C 142 1.51 15.21 21.77
N SER C 143 1.01 14.28 22.59
CA SER C 143 1.29 14.24 24.03
C SER C 143 0.99 12.88 24.63
N ILE C 144 1.71 12.39 25.64
CA ILE C 144 1.34 11.10 26.25
C ILE C 144 0.23 11.26 27.30
N LYS C 145 -0.07 12.51 27.68
CA LYS C 145 -1.22 12.81 28.53
C LYS C 145 -2.41 12.87 27.58
N SER C 146 -3.25 11.85 27.64
CA SER C 146 -4.39 11.75 26.71
C SER C 146 -5.43 12.83 26.83
N VAL C 147 -6.13 13.16 25.74
CA VAL C 147 -7.17 14.19 25.80
C VAL C 147 -8.42 13.62 26.47
N ASN C 148 -8.59 12.33 26.32
CA ASN C 148 -9.73 11.67 26.88
C ASN C 148 -9.38 10.22 27.15
N THR C 149 -9.91 9.65 28.21
CA THR C 149 -9.65 8.25 28.48
C THR C 149 -10.92 7.53 28.93
N LYS C 150 -10.84 6.21 29.03
CA LYS C 150 -11.94 5.36 29.49
C LYS C 150 -11.35 4.20 30.26
N SER C 151 -11.81 3.85 31.44
CA SER C 151 -11.22 2.73 32.13
C SER C 151 -11.50 1.43 31.41
N TRP C 152 -10.55 0.52 31.40
CA TRP C 152 -10.74 -0.75 30.73
C TRP C 152 -10.17 -1.87 31.57
N LYS C 153 -10.91 -2.97 31.75
CA LYS C 153 -10.36 -4.10 32.49
C LYS C 153 -9.71 -5.12 31.53
N LEU C 154 -8.40 -5.24 31.64
CA LEU C 154 -7.63 -6.14 30.83
C LEU C 154 -8.01 -7.61 30.95
N GLN C 155 -8.16 -8.37 29.89
CA GLN C 155 -8.26 -9.80 30.04
C GLN C 155 -7.03 -10.47 29.46
N ASN C 156 -6.22 -10.97 30.39
CA ASN C 156 -4.92 -11.53 30.07
C ASN C 156 -5.01 -12.73 29.15
N GLY C 157 -4.27 -12.69 28.07
CA GLY C 157 -4.33 -13.77 27.09
C GLY C 157 -5.56 -13.76 26.21
N GLU C 158 -6.53 -12.89 26.45
CA GLU C 158 -7.75 -12.85 25.65
C GLU C 158 -7.73 -11.94 24.44
N GLU C 159 -8.36 -12.34 23.35
CA GLU C 159 -8.46 -11.55 22.14
C GLU C 159 -9.38 -10.37 22.21
N ALA C 160 -8.81 -9.18 22.15
CA ALA C 160 -9.62 -7.97 22.03
C ALA C 160 -9.85 -7.66 20.56
N ASN C 161 -11.06 -7.26 20.22
CA ASN C 161 -11.30 -6.94 18.83
C ASN C 161 -11.60 -5.50 18.83
N VAL C 162 -10.79 -4.76 18.08
CA VAL C 162 -10.90 -3.31 18.16
C VAL C 162 -11.33 -2.73 16.82
N VAL C 163 -12.11 -1.67 16.85
CA VAL C 163 -12.46 -0.95 15.66
C VAL C 163 -12.20 0.49 16.00
N ILE C 164 -11.54 1.21 15.10
CA ILE C 164 -11.27 2.63 15.24
C ILE C 164 -11.74 3.25 13.95
N ALA C 165 -12.36 4.41 14.03
CA ALA C 165 -12.93 5.02 12.86
C ALA C 165 -12.90 6.53 12.96
N PHE C 166 -12.76 7.20 11.83
CA PHE C 166 -12.73 8.63 11.83
C PHE C 166 -13.67 9.19 10.79
N ASN C 167 -14.54 10.07 11.27
CA ASN C 167 -15.53 10.71 10.43
C ASN C 167 -15.05 12.07 9.97
N ALA C 168 -14.83 12.23 8.68
CA ALA C 168 -14.36 13.49 8.12
C ALA C 168 -15.29 14.67 8.30
N ALA C 169 -16.61 14.42 8.28
CA ALA C 169 -17.56 15.52 8.40
C ALA C 169 -17.66 16.12 9.79
N THR C 170 -17.58 15.28 10.81
CA THR C 170 -17.70 15.77 12.20
C THR C 170 -16.40 15.85 13.00
N ASN C 171 -15.35 15.21 12.48
CA ASN C 171 -14.03 15.07 13.10
C ASN C 171 -14.02 14.21 14.37
N VAL C 172 -14.98 13.30 14.51
CA VAL C 172 -14.95 12.46 15.68
C VAL C 172 -14.29 11.14 15.39
N LEU C 173 -13.38 10.81 16.29
CA LEU C 173 -12.67 9.55 16.31
C LEU C 173 -13.31 8.66 17.36
N THR C 174 -13.80 7.52 16.89
CA THR C 174 -14.53 6.55 17.70
C THR C 174 -13.70 5.31 17.92
N VAL C 175 -13.59 4.89 19.17
CA VAL C 175 -12.84 3.70 19.51
C VAL C 175 -13.72 2.69 20.25
N SER C 176 -13.70 1.44 19.84
CA SER C 176 -14.38 0.41 20.60
C SER C 176 -13.55 -0.83 20.70
N LEU C 177 -13.55 -1.37 21.89
CA LEU C 177 -12.88 -2.61 22.15
C LEU C 177 -13.92 -3.58 22.69
N THR C 178 -13.78 -4.83 22.31
CA THR C 178 -14.68 -5.89 22.74
C THR C 178 -13.93 -7.16 23.07
N TYR C 179 -14.24 -7.72 24.21
CA TYR C 179 -13.78 -9.06 24.52
C TYR C 179 -14.97 -9.98 24.42
N PRO C 180 -14.81 -11.24 24.04
CA PRO C 180 -15.92 -12.20 23.99
C PRO C 180 -16.58 -12.57 25.36
N VAL D 1 -19.19 -10.97 26.46
CA VAL D 1 -19.08 -9.87 25.52
C VAL D 1 -19.11 -8.54 26.25
N THR D 2 -17.89 -8.12 26.49
CA THR D 2 -17.60 -6.93 27.26
C THR D 2 -17.07 -5.92 26.29
N SER D 3 -17.76 -4.81 26.20
CA SER D 3 -17.42 -3.81 25.21
C SER D 3 -17.25 -2.46 25.86
N TYR D 4 -16.21 -1.76 25.41
CA TYR D 4 -15.81 -0.43 25.86
C TYR D 4 -15.83 0.51 24.70
N THR D 5 -16.06 1.79 24.92
CA THR D 5 -16.13 2.76 23.81
C THR D 5 -15.71 4.15 24.27
N LEU D 6 -14.82 4.75 23.53
CA LEU D 6 -14.35 6.08 23.82
C LEU D 6 -14.47 6.90 22.55
N SER D 7 -14.71 8.17 22.63
CA SER D 7 -14.91 8.93 21.40
C SER D 7 -14.60 10.38 21.59
N ASP D 8 -13.90 11.02 20.65
CA ASP D 8 -13.63 12.45 20.82
C ASP D 8 -13.43 13.19 19.50
N VAL D 9 -13.21 14.51 19.55
CA VAL D 9 -12.96 15.28 18.34
C VAL D 9 -11.47 15.56 18.13
N VAL D 10 -10.95 15.01 17.06
CA VAL D 10 -9.57 15.19 16.67
C VAL D 10 -9.61 15.87 15.33
N SER D 11 -9.07 17.08 15.23
CA SER D 11 -8.97 17.73 13.92
C SER D 11 -7.65 17.36 13.27
N LEU D 12 -7.70 16.24 12.54
CA LEU D 12 -6.53 15.69 11.86
C LEU D 12 -5.71 16.66 11.04
N LYS D 13 -6.36 17.46 10.21
CA LYS D 13 -5.70 18.51 9.43
C LYS D 13 -4.67 19.40 10.16
N ASP D 14 -4.93 19.68 11.45
CA ASP D 14 -4.08 20.61 12.22
C ASP D 14 -2.98 19.93 13.02
N VAL D 15 -3.03 18.62 13.07
CA VAL D 15 -2.05 17.85 13.82
C VAL D 15 -1.06 17.04 12.94
N VAL D 16 -1.58 16.19 12.03
CA VAL D 16 -0.72 15.34 11.21
C VAL D 16 -0.53 15.95 9.81
N PRO D 17 0.41 15.47 9.01
CA PRO D 17 0.62 15.99 7.67
C PRO D 17 -0.41 15.43 6.66
N GLU D 18 -0.33 15.87 5.41
CA GLU D 18 -1.20 15.35 4.35
C GLU D 18 -1.07 13.87 4.10
N TRP D 19 0.18 13.44 4.08
CA TRP D 19 0.56 12.05 3.91
C TRP D 19 1.09 11.48 5.20
N VAL D 20 0.60 10.30 5.53
CA VAL D 20 0.98 9.70 6.79
C VAL D 20 1.34 8.22 6.66
N ARG D 21 1.97 7.70 7.69
CA ARG D 21 2.08 6.29 7.86
C ARG D 21 1.32 5.94 9.13
N ILE D 22 0.64 4.82 9.11
CA ILE D 22 -0.09 4.37 10.28
C ILE D 22 0.56 3.06 10.80
N GLY D 23 0.36 2.70 12.06
CA GLY D 23 0.91 1.44 12.51
C GLY D 23 0.57 1.13 13.94
N PHE D 24 1.40 0.28 14.52
CA PHE D 24 1.24 -0.15 15.89
C PHE D 24 2.53 -0.01 16.68
N SER D 25 2.44 0.35 17.94
CA SER D 25 3.61 0.26 18.81
C SER D 25 3.25 -0.30 20.14
N ALA D 26 4.21 -0.93 20.77
CA ALA D 26 4.05 -1.53 22.08
C ALA D 26 5.37 -1.47 22.78
N THR D 27 5.38 -1.16 24.04
CA THR D 27 6.61 -1.06 24.81
C THR D 27 6.56 -1.75 26.15
N THR D 28 7.70 -1.97 26.76
CA THR D 28 7.77 -2.43 28.13
C THR D 28 8.82 -1.61 28.84
N GLY D 29 8.87 -1.66 30.14
CA GLY D 29 9.88 -0.92 30.88
C GLY D 29 10.39 -1.84 31.96
N ALA D 30 10.22 -1.43 33.21
CA ALA D 30 10.57 -2.27 34.36
C ALA D 30 9.58 -3.41 34.51
N GLU D 31 8.36 -3.17 34.06
CA GLU D 31 7.36 -4.22 34.01
C GLU D 31 7.09 -4.58 32.57
N TYR D 32 6.62 -5.80 32.31
CA TYR D 32 6.49 -6.31 30.95
C TYR D 32 5.36 -7.30 30.68
N ALA D 33 5.08 -7.47 29.40
CA ALA D 33 4.06 -8.33 28.86
C ALA D 33 4.35 -8.52 27.37
N ALA D 34 3.92 -9.63 26.76
CA ALA D 34 4.05 -9.72 25.31
C ALA D 34 2.88 -9.03 24.65
N HIS D 35 3.11 -8.23 23.62
CA HIS D 35 2.02 -7.57 22.92
C HIS D 35 1.93 -8.13 21.49
N GLU D 36 0.77 -8.63 21.09
CA GLU D 36 0.62 -9.28 19.79
C GLU D 36 -0.62 -8.89 19.02
N VAL D 37 -0.47 -8.78 17.70
CA VAL D 37 -1.55 -8.52 16.77
C VAL D 37 -1.88 -9.75 15.92
N LEU D 38 -3.16 -10.03 15.74
CA LEU D 38 -3.60 -11.21 15.00
C LEU D 38 -4.20 -10.92 13.63
N SER D 39 -4.82 -9.75 13.49
CA SER D 39 -5.46 -9.35 12.25
C SER D 39 -5.44 -7.86 12.11
N TRP D 40 -5.48 -7.35 10.89
CA TRP D 40 -5.52 -5.95 10.70
C TRP D 40 -6.20 -5.64 9.40
N SER D 41 -7.00 -4.62 9.38
CA SER D 41 -7.57 -4.12 8.17
C SER D 41 -7.79 -2.64 8.26
N PHE D 42 -7.62 -1.95 7.15
CA PHE D 42 -7.76 -0.51 7.12
C PHE D 42 -8.36 -0.10 5.78
N HIS D 43 -9.13 0.96 5.78
CA HIS D 43 -9.73 1.50 4.58
C HIS D 43 -9.86 2.97 4.81
N SER D 44 -9.46 3.77 3.87
CA SER D 44 -9.61 5.20 3.98
C SER D 44 -10.02 5.75 2.66
N GLU D 45 -10.67 6.89 2.64
CA GLU D 45 -10.97 7.54 1.39
C GLU D 45 -11.09 9.01 1.52
N LEU D 46 -10.53 9.71 0.55
CA LEU D 46 -10.46 11.15 0.54
C LEU D 46 -11.05 11.73 -0.72
N SER D 47 -11.91 12.74 -0.62
CA SER D 47 -12.55 13.36 -1.77
C SER D 47 -11.64 14.30 -2.53
N GLY D 48 -11.95 14.53 -3.79
CA GLY D 48 -11.26 15.55 -4.59
C GLY D 48 -12.33 16.55 -5.00
N THR D 49 -12.87 17.23 -4.01
CA THR D 49 -13.87 18.28 -4.21
C THR D 49 -13.28 19.71 -4.33
C1 MAN E . 15.85 2.31 -32.19
C2 MAN E . 16.05 1.43 -30.95
C3 MAN E . 14.88 0.47 -30.83
C4 MAN E . 13.62 1.26 -30.74
C5 MAN E . 13.51 2.15 -31.95
C6 MAN E . 12.26 3.01 -31.90
O1 MAN E . 15.87 1.58 -33.42
O2 MAN E . 16.21 2.22 -29.77
O3 MAN E . 15.02 -0.39 -29.71
O4 MAN E . 12.54 0.38 -30.70
O5 MAN E . 14.62 3.03 -32.02
O6 MAN E . 12.34 4.05 -30.98
MN MN F . 5.56 -6.27 -29.15
CA CA G . 8.01 -3.09 -30.37
C1 MAN H . 9.74 2.20 34.41
C2 MAN H . 9.74 3.25 33.31
C3 MAN H . 8.35 3.68 32.97
C4 MAN H . 7.50 2.46 32.69
C5 MAN H . 7.57 1.45 33.85
C6 MAN H . 6.73 0.18 33.66
O1 MAN H . 9.35 2.67 35.70
O2 MAN H . 10.38 2.78 32.12
O3 MAN H . 8.39 4.58 31.85
O4 MAN H . 6.16 2.89 32.54
O5 MAN H . 8.93 1.08 34.03
O6 MAN H . 7.24 -0.73 32.71
MN MN I . -2.34 6.58 29.60
CA CA J . 0.89 4.39 31.21
#